data_7N5S
#
_entry.id   7N5S
#
_cell.length_a   46.938
_cell.length_b   36.963
_cell.length_c   74.257
_cell.angle_alpha   90.000
_cell.angle_beta   100.012
_cell.angle_gamma   90.000
#
_symmetry.space_group_name_H-M   'P 1 2 1'
#
loop_
_entity.id
_entity.type
_entity.pdbx_description
1 polymer 'Zinc finger and BTB domain-containing protein 7A'
2 polymer 'DNA Strand I'
3 polymer 'DNA Strand II'
4 non-polymer 'ZINC ION'
5 water water
#
loop_
_entity_poly.entity_id
_entity_poly.type
_entity_poly.pdbx_seq_one_letter_code
_entity_poly.pdbx_strand_id
1 'polypeptide(L)'
;GPLGSQKVEKKIRAKAFQKCPICEKVIQGAGKLPRHIRTHTGEKPYECNICKVRFTRQDKLKVHMRKHTGEKPYLCQQCG
AAFAHNYDLKNHMRVHTGLRPYQCDSCCKTFVRSDHLHRHLKKDGCNGVPSRRGRKLERPHRD
;
A
2 'polydeoxyribonucleotide' (DC)(DT)(DG)(DG)(DG)(DG)(DA)(DA)(DG)(DG)(DG)(DG)(DC)(DC)(DC) X
3 'polydeoxyribonucleotide' (DG)(DG)(DG)(DG)(DC)(DC)(DC)(DC)(DT)(DT)(DC)(DC)(DC)(DC)(DA) Y
#
loop_
_chem_comp.id
_chem_comp.type
_chem_comp.name
_chem_comp.formula
DA DNA linking 2'-DEOXYADENOSINE-5'-MONOPHOSPHATE 'C10 H14 N5 O6 P'
DC DNA linking 2'-DEOXYCYTIDINE-5'-MONOPHOSPHATE 'C9 H14 N3 O7 P'
DG DNA linking 2'-DEOXYGUANOSINE-5'-MONOPHOSPHATE 'C10 H14 N5 O7 P'
DT DNA linking THYMIDINE-5'-MONOPHOSPHATE 'C10 H15 N2 O8 P'
ZN non-polymer 'ZINC ION' 'Zn 2'
#
# COMPACT_ATOMS: atom_id res chain seq x y z
N PHE A 17 2.71 -22.86 -2.06
CA PHE A 17 3.79 -22.45 -2.94
C PHE A 17 3.51 -22.85 -4.38
N GLN A 18 3.44 -21.85 -5.26
CA GLN A 18 3.21 -22.08 -6.68
C GLN A 18 4.21 -21.27 -7.49
N LYS A 19 4.58 -21.81 -8.66
CA LYS A 19 5.55 -21.17 -9.54
C LYS A 19 4.83 -20.65 -10.78
N CYS A 20 5.10 -19.40 -11.13
CA CYS A 20 4.47 -18.78 -12.29
C CYS A 20 5.08 -19.36 -13.56
N PRO A 21 4.29 -19.93 -14.47
CA PRO A 21 4.86 -20.43 -15.73
C PRO A 21 5.50 -19.35 -16.57
N ILE A 22 4.97 -18.12 -16.53
CA ILE A 22 5.47 -17.06 -17.39
C ILE A 22 6.85 -16.60 -16.94
N CYS A 23 7.04 -16.41 -15.63
CA CYS A 23 8.26 -15.80 -15.11
C CYS A 23 9.10 -16.74 -14.27
N GLU A 24 8.65 -17.97 -14.03
CA GLU A 24 9.38 -18.95 -13.21
C GLU A 24 9.70 -18.39 -11.83
N LYS A 25 8.71 -17.72 -11.23
CA LYS A 25 8.85 -17.10 -9.92
C LYS A 25 7.89 -17.74 -8.94
N VAL A 26 8.39 -18.03 -7.74
CA VAL A 26 7.58 -18.67 -6.71
C VAL A 26 6.62 -17.65 -6.12
N ILE A 27 5.34 -18.00 -6.04
CA ILE A 27 4.30 -17.17 -5.45
C ILE A 27 3.62 -17.97 -4.36
N GLN A 28 3.57 -17.39 -3.15
CA GLN A 28 2.91 -18.06 -2.04
C GLN A 28 1.40 -17.86 -2.12
N GLY A 29 0.67 -18.88 -1.68
CA GLY A 29 -0.78 -18.85 -1.76
C GLY A 29 -1.30 -19.59 -2.97
N ALA A 30 -2.12 -20.61 -2.74
CA ALA A 30 -2.64 -21.42 -3.84
C ALA A 30 -3.52 -20.60 -4.78
N GLY A 31 -4.39 -19.76 -4.21
CA GLY A 31 -5.30 -18.97 -4.99
C GLY A 31 -4.75 -17.66 -5.51
N LYS A 32 -3.51 -17.31 -5.18
CA LYS A 32 -2.92 -16.06 -5.62
C LYS A 32 -2.26 -16.14 -6.98
N LEU A 33 -2.14 -17.34 -7.55
CA LEU A 33 -1.51 -17.48 -8.87
C LEU A 33 -2.26 -16.71 -9.96
N PRO A 34 -3.59 -16.76 -10.06
CA PRO A 34 -4.27 -15.95 -11.09
C PRO A 34 -4.01 -14.46 -10.95
N ARG A 35 -3.87 -13.95 -9.71
CA ARG A 35 -3.61 -12.54 -9.52
C ARG A 35 -2.26 -12.13 -10.10
N HIS A 36 -1.22 -12.95 -9.86
CA HIS A 36 0.11 -12.63 -10.37
C HIS A 36 0.16 -12.69 -11.89
N ILE A 37 -0.51 -13.69 -12.49
CA ILE A 37 -0.50 -13.81 -13.94
C ILE A 37 -1.18 -12.60 -14.58
N ARG A 38 -2.21 -12.07 -13.93
CA ARG A 38 -2.88 -10.88 -14.44
C ARG A 38 -1.93 -9.69 -14.53
N THR A 39 -0.91 -9.65 -13.67
CA THR A 39 0.02 -8.53 -13.68
C THR A 39 0.90 -8.51 -14.93
N HIS A 40 1.04 -9.65 -15.62
CA HIS A 40 1.83 -9.70 -16.85
C HIS A 40 1.04 -9.21 -18.06
N THR A 41 -0.29 -9.12 -17.95
CA THR A 41 -1.15 -8.85 -19.11
C THR A 41 -1.71 -7.44 -19.15
N GLY A 42 -1.95 -6.81 -18.00
CA GLY A 42 -2.54 -5.50 -17.98
C GLY A 42 -4.05 -5.47 -18.05
N GLU A 43 -4.71 -6.62 -17.98
CA GLU A 43 -6.17 -6.64 -17.95
C GLU A 43 -6.68 -6.15 -16.61
N LYS A 44 -7.79 -5.42 -16.63
CA LYS A 44 -8.42 -4.87 -15.43
C LYS A 44 -9.90 -5.25 -15.42
N PRO A 45 -10.21 -6.52 -15.20
CA PRO A 45 -11.61 -6.96 -15.29
C PRO A 45 -12.55 -6.28 -14.32
N TYR A 46 -12.08 -5.95 -13.11
CA TYR A 46 -12.94 -5.36 -12.09
C TYR A 46 -13.15 -3.89 -12.38
N GLU A 47 -14.41 -3.49 -12.57
CA GLU A 47 -14.77 -2.13 -12.94
C GLU A 47 -15.80 -1.59 -11.97
N CYS A 48 -15.58 -0.37 -11.50
CA CYS A 48 -16.55 0.28 -10.62
C CYS A 48 -17.82 0.63 -11.40
N ASN A 49 -18.97 0.47 -10.75
CA ASN A 49 -20.24 0.74 -11.42
C ASN A 49 -20.54 2.23 -11.54
N ILE A 50 -19.97 3.05 -10.66
CA ILE A 50 -20.31 4.48 -10.62
C ILE A 50 -19.43 5.26 -11.58
N CYS A 51 -18.12 5.26 -11.34
CA CYS A 51 -17.19 6.04 -12.14
C CYS A 51 -16.65 5.26 -13.34
N LYS A 52 -16.99 3.98 -13.47
CA LYS A 52 -16.57 3.16 -14.60
C LYS A 52 -15.05 3.14 -14.76
N VAL A 53 -14.34 3.02 -13.64
CA VAL A 53 -12.88 2.93 -13.62
C VAL A 53 -12.51 1.48 -13.36
N ARG A 54 -11.63 0.93 -14.19
CA ARG A 54 -11.24 -0.47 -14.10
C ARG A 54 -10.00 -0.62 -13.23
N PHE A 55 -9.98 -1.69 -12.43
CA PHE A 55 -8.86 -1.99 -11.55
C PHE A 55 -8.41 -3.42 -11.77
N THR A 56 -7.11 -3.66 -11.55
CA THR A 56 -6.54 -4.98 -11.76
C THR A 56 -6.90 -5.97 -10.64
N ARG A 57 -7.24 -5.47 -9.46
CA ARG A 57 -7.53 -6.34 -8.32
C ARG A 57 -8.86 -5.94 -7.69
N GLN A 58 -9.56 -6.94 -7.14
CA GLN A 58 -10.87 -6.69 -6.54
C GLN A 58 -10.76 -5.87 -5.27
N ASP A 59 -9.76 -6.16 -4.43
CA ASP A 59 -9.62 -5.42 -3.18
C ASP A 59 -9.31 -3.95 -3.42
N LYS A 60 -8.63 -3.64 -4.53
CA LYS A 60 -8.45 -2.25 -4.91
C LYS A 60 -9.79 -1.59 -5.26
N LEU A 61 -10.68 -2.35 -5.90
CA LEU A 61 -12.00 -1.81 -6.24
C LEU A 61 -12.80 -1.50 -4.99
N LYS A 62 -12.73 -2.37 -3.98
CA LYS A 62 -13.48 -2.14 -2.75
C LYS A 62 -13.01 -0.87 -2.05
N VAL A 63 -11.70 -0.61 -2.07
CA VAL A 63 -11.18 0.64 -1.52
C VAL A 63 -11.73 1.83 -2.30
N HIS A 64 -11.81 1.70 -3.62
CA HIS A 64 -12.44 2.74 -4.43
C HIS A 64 -13.92 2.88 -4.06
N MET A 65 -14.57 1.77 -3.73
CA MET A 65 -15.95 1.84 -3.26
C MET A 65 -16.06 2.59 -1.94
N ARG A 66 -15.04 2.49 -1.09
CA ARG A 66 -15.02 3.27 0.15
C ARG A 66 -14.98 4.76 -0.15
N LYS A 67 -14.22 5.15 -1.18
CA LYS A 67 -14.17 6.56 -1.56
C LYS A 67 -15.53 7.06 -2.00
N HIS A 68 -16.23 6.28 -2.83
CA HIS A 68 -17.59 6.65 -3.23
C HIS A 68 -18.55 6.63 -2.06
N THR A 69 -18.43 5.62 -1.17
CA THR A 69 -19.34 5.49 -0.06
C THR A 69 -19.07 6.54 1.02
N GLY A 70 -17.82 6.94 1.20
CA GLY A 70 -17.47 7.89 2.23
C GLY A 70 -17.37 7.30 3.62
N GLU A 71 -17.21 5.98 3.73
CA GLU A 71 -17.10 5.33 5.02
C GLU A 71 -15.65 5.32 5.50
N LYS A 72 -15.46 5.54 6.80
CA LYS A 72 -14.13 5.57 7.42
C LYS A 72 -14.09 4.50 8.52
N PRO A 73 -13.74 3.25 8.19
CA PRO A 73 -13.74 2.19 9.20
C PRO A 73 -12.54 2.22 10.12
N TYR A 74 -11.53 3.05 9.85
CA TYR A 74 -10.32 3.13 10.67
C TYR A 74 -10.46 4.30 11.62
N LEU A 75 -10.62 4.01 12.90
CA LEU A 75 -10.80 5.02 13.94
C LEU A 75 -9.60 5.03 14.86
N CYS A 76 -9.15 6.23 15.23
CA CYS A 76 -8.01 6.36 16.12
C CYS A 76 -8.34 5.83 17.51
N GLN A 77 -7.39 5.10 18.09
CA GLN A 77 -7.56 4.57 19.44
C GLN A 77 -7.22 5.60 20.52
N GLN A 78 -6.58 6.70 20.15
CA GLN A 78 -6.17 7.73 21.11
C GLN A 78 -7.08 8.94 21.13
N CYS A 79 -7.56 9.39 19.97
CA CYS A 79 -8.42 10.56 19.88
C CYS A 79 -9.76 10.29 19.23
N GLY A 80 -9.97 9.12 18.61
CA GLY A 80 -11.23 8.79 18.02
C GLY A 80 -11.45 9.29 16.61
N ALA A 81 -10.45 9.92 16.00
CA ALA A 81 -10.59 10.38 14.62
C ALA A 81 -10.75 9.20 13.67
N ALA A 82 -11.65 9.37 12.70
CA ALA A 82 -11.99 8.32 11.75
C ALA A 82 -11.35 8.63 10.40
N PHE A 83 -10.66 7.65 9.84
CA PHE A 83 -10.02 7.79 8.54
C PHE A 83 -10.44 6.64 7.63
N ALA A 84 -10.55 6.94 6.34
CA ALA A 84 -11.07 5.97 5.38
C ALA A 84 -10.05 4.87 5.05
N HIS A 85 -8.76 5.18 5.11
CA HIS A 85 -7.73 4.26 4.68
C HIS A 85 -6.73 4.00 5.81
N ASN A 86 -6.08 2.83 5.75
CA ASN A 86 -5.14 2.45 6.80
C ASN A 86 -3.94 3.38 6.85
N TYR A 87 -3.37 3.72 5.68
CA TYR A 87 -2.21 4.61 5.68
C TYR A 87 -2.58 6.01 6.14
N ASP A 88 -3.82 6.43 5.91
CA ASP A 88 -4.30 7.67 6.50
C ASP A 88 -4.33 7.57 8.02
N LEU A 89 -4.77 6.42 8.55
CA LEU A 89 -4.74 6.22 9.99
C LEU A 89 -3.31 6.25 10.53
N LYS A 90 -2.38 5.59 9.83
CA LYS A 90 -1.00 5.59 10.27
C LYS A 90 -0.36 6.97 10.19
N ASN A 91 -0.78 7.78 9.21
CA ASN A 91 -0.31 9.16 9.15
C ASN A 91 -0.79 9.95 10.36
N HIS A 92 -2.04 9.73 10.79
CA HIS A 92 -2.53 10.37 12.00
C HIS A 92 -1.80 9.85 13.24
N MET A 93 -1.39 8.59 13.23
CA MET A 93 -0.64 8.04 14.35
C MET A 93 0.73 8.69 14.48
N ARG A 94 1.38 9.00 13.33
CA ARG A 94 2.67 9.67 13.40
C ARG A 94 2.52 11.10 13.91
N VAL A 95 1.36 11.72 13.71
CA VAL A 95 1.12 13.06 14.25
C VAL A 95 1.05 13.01 15.76
N HIS A 96 0.41 11.97 16.32
CA HIS A 96 0.33 11.80 17.76
C HIS A 96 1.70 11.60 18.39
N THR A 97 2.38 10.51 18.03
CA THR A 97 3.67 10.16 18.61
C THR A 97 4.73 9.68 17.63
N GLY A 98 4.34 9.19 16.46
CA GLY A 98 5.28 8.52 15.58
C GLY A 98 5.94 9.39 14.53
N LEU A 99 6.03 10.70 14.80
CA LEU A 99 6.64 11.61 13.84
C LEU A 99 8.10 11.28 13.63
N ARG A 100 8.47 11.05 12.36
CA ARG A 100 9.83 10.72 11.92
C ARG A 100 10.35 9.48 12.64
N PRO A 101 9.81 8.30 12.33
CA PRO A 101 10.24 7.07 13.02
C PRO A 101 11.39 6.31 12.35
N TYR A 102 11.94 6.81 11.26
CA TYR A 102 13.01 6.14 10.53
C TYR A 102 14.30 6.95 10.65
N GLN A 103 15.42 6.25 10.78
CA GLN A 103 16.72 6.88 10.88
C GLN A 103 17.72 6.25 9.92
N CYS A 104 18.64 7.07 9.42
CA CYS A 104 19.75 6.60 8.61
C CYS A 104 20.93 6.29 9.52
N ASP A 105 21.40 5.05 9.48
CA ASP A 105 22.49 4.64 10.36
C ASP A 105 23.78 5.40 10.03
N SER A 106 24.06 5.58 8.73
CA SER A 106 25.34 6.15 8.33
C SER A 106 25.44 7.63 8.67
N CYS A 107 24.41 8.41 8.33
CA CYS A 107 24.48 9.86 8.43
C CYS A 107 23.64 10.46 9.56
N CYS A 108 22.91 9.62 10.30
CA CYS A 108 22.09 10.07 11.44
C CYS A 108 21.07 11.12 11.00
N LYS A 109 20.17 10.71 10.11
CA LYS A 109 19.11 11.56 9.61
C LYS A 109 17.78 10.86 9.78
N THR A 110 16.76 11.61 10.18
CA THR A 110 15.42 11.08 10.40
C THR A 110 14.57 11.21 9.16
N PHE A 111 13.62 10.29 9.00
CA PHE A 111 12.73 10.28 7.85
C PHE A 111 11.32 9.89 8.26
N VAL A 112 10.35 10.34 7.47
CA VAL A 112 8.94 10.17 7.80
C VAL A 112 8.42 8.81 7.33
N ARG A 113 8.72 8.44 6.09
CA ARG A 113 8.21 7.21 5.49
C ARG A 113 9.37 6.29 5.13
N SER A 114 9.05 5.00 4.97
CA SER A 114 10.08 4.02 4.63
C SER A 114 10.60 4.22 3.22
N ASP A 115 9.78 4.75 2.30
CA ASP A 115 10.25 5.01 0.96
C ASP A 115 11.31 6.11 0.92
N HIS A 116 11.19 7.09 1.82
CA HIS A 116 12.20 8.14 1.89
C HIS A 116 13.54 7.60 2.37
N LEU A 117 13.51 6.62 3.28
CA LEU A 117 14.75 5.96 3.69
C LEU A 117 15.39 5.23 2.51
N HIS A 118 14.57 4.54 1.71
CA HIS A 118 15.09 3.88 0.52
C HIS A 118 15.62 4.90 -0.48
N ARG A 119 14.94 6.04 -0.62
CA ARG A 119 15.43 7.11 -1.46
C ARG A 119 16.76 7.65 -0.96
N HIS A 120 16.88 7.83 0.36
CA HIS A 120 18.13 8.33 0.93
C HIS A 120 19.25 7.30 0.80
N LEU A 121 18.94 6.02 1.04
CA LEU A 121 19.94 4.97 0.98
C LEU A 121 20.44 4.73 -0.44
N LYS A 122 19.80 5.31 -1.44
CA LYS A 122 20.22 5.19 -2.83
C LYS A 122 20.76 6.50 -3.40
N LYS A 123 20.02 7.60 -3.22
CA LYS A 123 20.43 8.88 -3.82
C LYS A 123 21.60 9.49 -3.06
N ASP A 124 21.55 9.48 -1.72
CA ASP A 124 22.59 10.14 -0.94
C ASP A 124 23.94 9.42 -1.07
N GLY A 125 23.92 8.08 -1.05
CA GLY A 125 25.14 7.31 -1.14
C GLY A 125 26.07 7.54 0.03
N CYS A 126 25.53 7.50 1.25
CA CYS A 126 26.36 7.71 2.44
C CYS A 126 27.42 6.63 2.57
N ASN A 127 27.05 5.37 2.31
CA ASN A 127 28.00 4.27 2.41
C ASN A 127 28.94 4.25 1.21
ZN ZN D . -16.04 4.44 -8.84
ZN ZN E . 4.73 -14.17 -13.60
ZN ZN F . -5.61 10.24 16.75
ZN ZN G . 22.38 8.87 5.09
#